data_8R1T
#
_entry.id   8R1T
#
_cell.length_a   97.007
_cell.length_b   97.007
_cell.length_c   80.295
_cell.angle_alpha   90.000
_cell.angle_beta   90.000
_cell.angle_gamma   120.000
#
_symmetry.space_group_name_H-M   'P 65'
#
loop_
_entity.id
_entity.type
_entity.pdbx_description
1 polymer 'Serine/threonine-protein kinase pim-1'
2 polymer Pimtide
3 non-polymer GLYCEROL
4 non-polymer '4-(4-aminophenethyl)benzoic acid'
5 water water
#
loop_
_entity_poly.entity_id
_entity_poly.type
_entity_poly.pdbx_seq_one_letter_code
_entity_poly.pdbx_strand_id
1 'polypeptide(L)'
;SMLLSKINSLAHLRAAPCNDLHATKLAPGKEKEPLESQYQVGPLLGSGGFGSVYSGIRVSDNLPVAIKHVEKDRISDWGE
LPNGTRVPMEVVLLKKVSSGFSGVIRLLDWFERPDSFVLILERPEPVQDLFDFITERGALQEELARSFFWQVLEAVRHCH
NCGVLHRDIKDENILIDLNRGELKLIDFGSGALLKDTVYTDFDGTRVYSPPEWIRYHRYHGRSAAVWSLGILLYDMVCGD
IPFEHDEEIIGGQVFFRQRVS(SEP)ECQHLIRWCLALRPSDRPTFEEIQNHPWMQDVLLPQETAEIHLHSLSPGPS
;
A
2 'polypeptide(L)' ARKRRRHPSGPPTA D
#
# COMPACT_ATOMS: atom_id res chain seq x y z
N PRO A 34 16.43 -14.59 -20.51
CA PRO A 34 17.49 -15.11 -19.63
C PRO A 34 17.68 -14.25 -18.38
N LEU A 35 17.19 -14.74 -17.24
CA LEU A 35 17.21 -13.96 -16.00
C LEU A 35 18.58 -13.96 -15.35
N GLU A 36 19.20 -15.14 -15.20
CA GLU A 36 20.45 -15.24 -14.47
C GLU A 36 21.61 -14.52 -15.15
N SER A 37 21.46 -14.21 -16.44
CA SER A 37 22.47 -13.44 -17.17
C SER A 37 22.20 -11.95 -17.15
N GLN A 38 20.92 -11.57 -17.15
CA GLN A 38 20.55 -10.16 -17.18
C GLN A 38 20.63 -9.50 -15.80
N TYR A 39 20.65 -10.29 -14.73
CA TYR A 39 20.66 -9.75 -13.38
C TYR A 39 21.64 -10.52 -12.51
N GLN A 40 22.51 -9.81 -11.81
CA GLN A 40 23.27 -10.41 -10.72
C GLN A 40 22.34 -10.53 -9.53
N VAL A 41 22.14 -11.76 -9.06
CA VAL A 41 21.19 -12.06 -7.99
C VAL A 41 21.92 -12.10 -6.67
N GLY A 42 21.43 -11.34 -5.69
CA GLY A 42 22.01 -11.30 -4.37
C GLY A 42 21.15 -12.03 -3.34
N PRO A 43 21.35 -11.68 -2.07
CA PRO A 43 20.69 -12.41 -0.99
C PRO A 43 19.22 -12.04 -0.83
N LEU A 44 18.54 -12.87 -0.05
CA LEU A 44 17.15 -12.62 0.31
C LEU A 44 17.01 -11.26 1.00
N LEU A 45 15.96 -10.53 0.65
CA LEU A 45 15.67 -9.22 1.25
C LEU A 45 14.73 -9.38 2.42
N GLY A 46 15.00 -8.66 3.50
CA GLY A 46 14.09 -8.62 4.63
C GLY A 46 13.73 -9.96 5.23
N SER A 47 14.60 -10.98 5.06
CA SER A 47 14.40 -12.32 5.61
C SER A 47 13.03 -12.90 5.28
N GLY A 48 12.53 -12.59 4.08
CA GLY A 48 11.28 -13.14 3.61
C GLY A 48 10.04 -12.36 3.98
N GLY A 49 10.18 -11.25 4.70
CA GLY A 49 9.03 -10.47 5.14
C GLY A 49 8.26 -9.81 4.01
N PHE A 50 8.92 -9.56 2.87
CA PHE A 50 8.23 -9.07 1.68
C PHE A 50 7.77 -10.20 0.77
N GLY A 51 7.96 -11.44 1.18
CA GLY A 51 7.83 -12.60 0.32
C GLY A 51 9.19 -13.08 -0.13
N SER A 52 9.17 -13.87 -1.21
CA SER A 52 10.40 -14.41 -1.77
C SER A 52 11.01 -13.34 -2.67
N VAL A 53 11.69 -12.38 -2.03
CA VAL A 53 12.24 -11.22 -2.72
C VAL A 53 13.73 -11.17 -2.44
N TYR A 54 14.51 -11.05 -3.51
CA TYR A 54 15.96 -11.06 -3.42
C TYR A 54 16.53 -9.75 -3.95
N SER A 55 17.66 -9.34 -3.39
CA SER A 55 18.41 -8.22 -3.94
C SER A 55 19.01 -8.58 -5.29
N GLY A 56 19.06 -7.60 -6.18
CA GLY A 56 19.55 -7.85 -7.52
C GLY A 56 20.14 -6.59 -8.12
N ILE A 57 20.94 -6.79 -9.16
CA ILE A 57 21.55 -5.72 -9.93
C ILE A 57 21.33 -6.02 -11.40
N ARG A 58 20.77 -5.05 -12.14
CA ARG A 58 20.66 -5.19 -13.57
C ARG A 58 22.04 -5.03 -14.21
N VAL A 59 22.53 -6.10 -14.85
CA VAL A 59 23.86 -6.07 -15.43
C VAL A 59 23.96 -5.01 -16.52
N SER A 60 22.84 -4.68 -17.16
CA SER A 60 22.85 -3.70 -18.24
C SER A 60 23.40 -2.36 -17.79
N ASP A 61 23.07 -1.93 -16.55
CA ASP A 61 23.40 -0.58 -16.13
C ASP A 61 23.57 -0.45 -14.62
N ASN A 62 23.90 -1.55 -13.94
CA ASN A 62 24.15 -1.57 -12.49
C ASN A 62 22.95 -1.09 -11.68
N LEU A 63 21.75 -1.06 -12.27
CA LEU A 63 20.58 -0.57 -11.54
C LEU A 63 20.19 -1.57 -10.46
N PRO A 64 19.98 -1.11 -9.22
CA PRO A 64 19.53 -2.04 -8.17
C PRO A 64 18.07 -2.41 -8.38
N VAL A 65 17.77 -3.69 -8.20
CA VAL A 65 16.41 -4.21 -8.38
C VAL A 65 16.04 -5.12 -7.22
N ALA A 66 14.74 -5.33 -7.07
CA ALA A 66 14.19 -6.32 -6.15
C ALA A 66 13.55 -7.41 -7.00
N ILE A 67 13.92 -8.66 -6.74
CA ILE A 67 13.53 -9.78 -7.58
C ILE A 67 12.53 -10.61 -6.79
N LYS A 68 11.27 -10.52 -7.19
CA LYS A 68 10.16 -11.13 -6.46
C LYS A 68 9.68 -12.37 -7.18
N HIS A 69 9.58 -13.48 -6.45
CA HIS A 69 9.19 -14.77 -7.00
C HIS A 69 7.81 -15.13 -6.47
N VAL A 70 6.94 -15.57 -7.37
N VAL A 70 6.92 -15.54 -7.36
CA VAL A 70 5.58 -16.00 -7.02
CA VAL A 70 5.59 -16.01 -6.98
C VAL A 70 5.36 -17.39 -7.60
C VAL A 70 5.38 -17.39 -7.58
N GLU A 71 4.90 -18.32 -6.76
CA GLU A 71 4.68 -19.69 -7.20
C GLU A 71 3.36 -19.79 -7.93
N LYS A 72 3.35 -20.47 -9.09
CA LYS A 72 2.11 -20.60 -9.86
C LYS A 72 1.02 -21.28 -9.04
N ASP A 73 1.38 -22.30 -8.26
CA ASP A 73 0.42 -23.05 -7.46
C ASP A 73 -0.25 -22.20 -6.39
N ARG A 74 0.28 -21.02 -6.08
CA ARG A 74 -0.24 -20.17 -5.03
C ARG A 74 -0.92 -18.91 -5.56
N ILE A 75 -1.10 -18.80 -6.87
CA ILE A 75 -1.64 -17.59 -7.48
C ILE A 75 -3.15 -17.66 -7.44
N SER A 76 -3.77 -16.65 -6.82
CA SER A 76 -5.22 -16.58 -6.68
C SER A 76 -5.89 -16.24 -8.01
N ASP A 77 -5.63 -15.04 -8.53
CA ASP A 77 -6.28 -14.54 -9.73
C ASP A 77 -5.28 -14.46 -10.88
N TRP A 78 -5.72 -14.87 -12.06
CA TRP A 78 -4.95 -14.81 -13.27
C TRP A 78 -5.53 -13.75 -14.20
N GLY A 79 -4.66 -13.15 -15.00
CA GLY A 79 -5.08 -12.20 -16.02
C GLY A 79 -4.43 -12.54 -17.35
N GLU A 80 -4.90 -11.85 -18.38
CA GLU A 80 -4.35 -11.98 -19.72
C GLU A 80 -3.66 -10.67 -20.10
N LEU A 81 -2.62 -10.80 -20.91
CA LEU A 81 -1.91 -9.67 -21.48
C LEU A 81 -2.41 -9.40 -22.89
N PRO A 82 -2.02 -8.27 -23.49
CA PRO A 82 -2.30 -8.07 -24.92
C PRO A 82 -1.86 -9.24 -25.80
N ASN A 83 -0.69 -9.83 -25.54
CA ASN A 83 -0.22 -10.98 -26.30
C ASN A 83 -1.01 -12.26 -26.00
N GLY A 84 -2.08 -12.20 -25.20
CA GLY A 84 -2.82 -13.38 -24.81
C GLY A 84 -2.16 -14.25 -23.77
N THR A 85 -0.90 -13.98 -23.40
CA THR A 85 -0.21 -14.77 -22.40
C THR A 85 -0.91 -14.66 -21.05
N ARG A 86 -1.14 -15.79 -20.40
CA ARG A 86 -1.75 -15.83 -19.08
C ARG A 86 -0.68 -15.51 -18.03
N VAL A 87 -0.92 -14.48 -17.23
CA VAL A 87 0.03 -14.04 -16.21
C VAL A 87 -0.74 -13.84 -14.91
N PRO A 88 -0.04 -13.84 -13.77
CA PRO A 88 -0.70 -13.44 -12.52
C PRO A 88 -1.32 -12.07 -12.67
N MET A 89 -2.48 -11.87 -12.02
CA MET A 89 -3.10 -10.54 -12.00
C MET A 89 -2.14 -9.48 -11.45
N GLU A 90 -1.28 -9.86 -10.50
CA GLU A 90 -0.31 -8.91 -9.95
C GLU A 90 0.52 -8.28 -11.07
N VAL A 91 0.92 -9.08 -12.05
CA VAL A 91 1.69 -8.54 -13.18
C VAL A 91 0.83 -7.62 -14.03
N VAL A 92 -0.43 -8.01 -14.28
CA VAL A 92 -1.34 -7.13 -15.03
C VAL A 92 -1.47 -5.77 -14.34
N LEU A 93 -1.66 -5.79 -13.02
CA LEU A 93 -1.89 -4.54 -12.31
C LEU A 93 -0.62 -3.69 -12.25
N LEU A 94 0.52 -4.32 -11.98
CA LEU A 94 1.79 -3.60 -11.97
C LEU A 94 2.08 -2.96 -13.32
N LYS A 95 1.83 -3.68 -14.42
CA LYS A 95 2.05 -3.10 -15.74
C LYS A 95 1.17 -1.88 -15.97
N LYS A 96 -0.09 -1.94 -15.51
CA LYS A 96 -1.02 -0.83 -15.71
C LYS A 96 -0.61 0.42 -14.93
N VAL A 97 0.04 0.28 -13.77
CA VAL A 97 0.44 1.46 -13.00
C VAL A 97 1.90 1.85 -13.23
N SER A 98 2.63 1.11 -14.07
CA SER A 98 4.07 1.33 -14.27
C SER A 98 4.42 2.56 -15.11
N SER A 99 3.54 3.56 -15.15
CA SER A 99 3.70 4.75 -15.98
C SER A 99 4.88 5.63 -15.60
N GLY A 100 5.65 5.24 -14.58
CA GLY A 100 6.76 6.06 -14.13
C GLY A 100 6.41 7.10 -13.08
N PHE A 101 5.13 7.31 -12.77
CA PHE A 101 4.77 8.07 -11.58
C PHE A 101 5.39 7.41 -10.36
N SER A 102 6.14 8.18 -9.59
CA SER A 102 7.05 7.58 -8.62
C SER A 102 6.38 7.12 -7.33
N GLY A 103 5.07 7.31 -7.17
CA GLY A 103 4.41 6.91 -5.94
C GLY A 103 3.99 5.46 -5.84
N VAL A 104 4.22 4.66 -6.88
CA VAL A 104 3.95 3.23 -6.82
C VAL A 104 5.22 2.54 -7.25
N ILE A 105 5.42 1.31 -6.76
CA ILE A 105 6.58 0.54 -7.18
C ILE A 105 6.48 0.28 -8.67
N ARG A 106 7.61 0.37 -9.38
CA ARG A 106 7.63 0.17 -10.83
C ARG A 106 8.12 -1.23 -11.17
N LEU A 107 7.30 -1.95 -11.94
CA LEU A 107 7.73 -3.23 -12.52
C LEU A 107 8.59 -2.96 -13.75
N LEU A 108 9.85 -3.41 -13.71
CA LEU A 108 10.79 -3.19 -14.80
C LEU A 108 10.76 -4.30 -15.85
N ASP A 109 10.38 -5.51 -15.45
CA ASP A 109 10.40 -6.67 -16.33
C ASP A 109 9.82 -7.83 -15.52
N TRP A 110 9.51 -8.92 -16.21
CA TRP A 110 9.04 -10.13 -15.56
C TRP A 110 9.39 -11.31 -16.45
N PHE A 111 9.46 -12.49 -15.84
CA PHE A 111 9.82 -13.72 -16.53
C PHE A 111 8.86 -14.83 -16.09
N GLU A 112 8.59 -15.76 -16.98
CA GLU A 112 7.88 -16.97 -16.62
C GLU A 112 8.85 -18.14 -16.51
N ARG A 113 8.68 -18.94 -15.46
CA ARG A 113 9.43 -20.17 -15.25
C ARG A 113 8.44 -21.34 -15.19
N PRO A 114 8.91 -22.60 -15.24
CA PRO A 114 7.96 -23.72 -15.21
C PRO A 114 6.95 -23.67 -14.06
N ASP A 115 7.40 -23.34 -12.86
CA ASP A 115 6.55 -23.37 -11.68
C ASP A 115 6.30 -22.01 -11.06
N SER A 116 6.82 -20.93 -11.65
CA SER A 116 6.74 -19.63 -11.00
C SER A 116 6.84 -18.50 -12.02
N PHE A 117 6.53 -17.29 -11.54
CA PHE A 117 6.80 -16.05 -12.25
C PHE A 117 7.80 -15.24 -11.43
N VAL A 118 8.66 -14.52 -12.13
CA VAL A 118 9.68 -13.68 -11.49
C VAL A 118 9.42 -12.24 -11.90
N LEU A 119 9.32 -11.35 -10.91
CA LEU A 119 9.02 -9.94 -11.14
C LEU A 119 10.25 -9.11 -10.80
N ILE A 120 10.68 -8.26 -11.73
CA ILE A 120 11.82 -7.38 -11.50
C ILE A 120 11.26 -6.01 -11.13
N LEU A 121 11.49 -5.61 -9.89
CA LEU A 121 10.95 -4.35 -9.37
C LEU A 121 12.10 -3.43 -9.06
N GLU A 122 11.84 -2.12 -9.12
CA GLU A 122 12.86 -1.17 -8.71
C GLU A 122 13.15 -1.35 -7.22
N ARG A 123 14.36 -0.96 -6.82
CA ARG A 123 14.79 -1.09 -5.43
C ARG A 123 15.34 0.27 -5.00
N PRO A 124 14.47 1.16 -4.53
CA PRO A 124 14.98 2.43 -4.00
C PRO A 124 15.77 2.21 -2.73
N GLU A 125 16.73 3.12 -2.49
CA GLU A 125 17.61 3.04 -1.36
C GLU A 125 18.02 4.47 -1.00
N PRO A 126 18.13 4.79 0.30
CA PRO A 126 17.78 3.97 1.46
C PRO A 126 16.29 4.04 1.72
N VAL A 127 15.66 2.93 2.11
CA VAL A 127 14.24 2.93 2.44
C VAL A 127 14.02 2.28 3.79
N GLN A 128 12.87 2.59 4.38
CA GLN A 128 12.30 1.86 5.49
C GLN A 128 10.81 1.77 5.24
N ASP A 129 10.19 0.63 5.52
CA ASP A 129 8.75 0.62 5.33
C ASP A 129 8.09 1.39 6.47
N LEU A 130 6.86 1.85 6.20
CA LEU A 130 6.19 2.73 7.15
C LEU A 130 5.78 2.00 8.42
N PHE A 131 5.59 0.68 8.35
CA PHE A 131 5.30 -0.05 9.59
C PHE A 131 6.47 0.06 10.56
N ASP A 132 7.69 -0.27 10.09
CA ASP A 132 8.87 -0.17 10.94
C ASP A 132 9.12 1.27 11.37
N PHE A 133 8.90 2.22 10.47
CA PHE A 133 9.10 3.63 10.77
C PHE A 133 8.24 4.07 11.94
N ILE A 134 6.95 3.72 11.91
CA ILE A 134 6.03 4.07 12.99
C ILE A 134 6.39 3.31 14.26
N THR A 135 6.80 2.05 14.14
CA THR A 135 7.23 1.31 15.32
C THR A 135 8.37 2.01 16.02
N GLU A 136 9.36 2.48 15.26
CA GLU A 136 10.55 3.08 15.86
C GLU A 136 10.30 4.51 16.32
N ARG A 137 9.43 5.25 15.64
CA ARG A 137 9.23 6.66 15.94
C ARG A 137 8.06 6.93 16.86
N GLY A 138 7.14 5.99 17.02
CA GLY A 138 5.91 6.28 17.72
C GLY A 138 4.93 7.02 16.82
N ALA A 139 3.86 7.53 17.45
CA ALA A 139 2.91 8.39 16.74
C ALA A 139 3.64 9.53 16.03
N LEU A 140 3.27 9.77 14.78
CA LEU A 140 3.94 10.78 13.98
C LEU A 140 3.34 12.16 14.22
N GLN A 141 4.20 13.17 14.26
CA GLN A 141 3.76 14.57 14.21
C GLN A 141 2.80 14.78 13.03
N GLU A 142 1.76 15.58 13.26
CA GLU A 142 0.72 15.70 12.23
C GLU A 142 1.25 16.30 10.93
N GLU A 143 2.22 17.21 10.99
CA GLU A 143 2.80 17.73 9.76
C GLU A 143 3.40 16.61 8.92
N LEU A 144 4.04 15.63 9.58
CA LEU A 144 4.64 14.50 8.87
C LEU A 144 3.58 13.51 8.40
N ALA A 145 2.61 13.20 9.26
CA ALA A 145 1.50 12.35 8.84
C ALA A 145 0.77 12.96 7.64
N ARG A 146 0.60 14.29 7.64
CA ARG A 146 -0.10 14.95 6.52
C ARG A 146 0.65 14.74 5.21
N SER A 147 1.96 14.94 5.23
CA SER A 147 2.77 14.75 4.04
C SER A 147 2.68 13.32 3.55
N PHE A 148 2.86 12.35 4.46
CA PHE A 148 2.78 10.94 4.09
C PHE A 148 1.39 10.59 3.55
N PHE A 149 0.35 10.99 4.29
CA PHE A 149 -1.02 10.66 3.88
C PHE A 149 -1.34 11.26 2.51
N TRP A 150 -0.90 12.50 2.28
CA TRP A 150 -1.15 13.15 0.98
C TRP A 150 -0.52 12.34 -0.14
N GLN A 151 0.73 11.93 0.03
CA GLN A 151 1.41 11.15 -0.99
C GLN A 151 0.73 9.81 -1.22
N VAL A 152 0.24 9.17 -0.16
CA VAL A 152 -0.51 7.92 -0.36
C VAL A 152 -1.77 8.17 -1.16
N LEU A 153 -2.48 9.27 -0.85
CA LEU A 153 -3.68 9.60 -1.61
C LEU A 153 -3.37 9.80 -3.10
N GLU A 154 -2.30 10.53 -3.40
CA GLU A 154 -1.93 10.73 -4.81
C GLU A 154 -1.59 9.41 -5.47
N ALA A 155 -0.91 8.51 -4.75
CA ALA A 155 -0.56 7.20 -5.30
C ALA A 155 -1.79 6.34 -5.55
N VAL A 156 -2.75 6.36 -4.61
CA VAL A 156 -3.97 5.57 -4.80
C VAL A 156 -4.80 6.16 -5.94
N ARG A 157 -4.85 7.50 -6.06
CA ARG A 157 -5.51 8.12 -7.20
C ARG A 157 -4.90 7.66 -8.52
N HIS A 158 -3.56 7.58 -8.56
CA HIS A 158 -2.87 7.11 -9.76
C HIS A 158 -3.33 5.69 -10.10
N CYS A 159 -3.34 4.81 -9.09
CA CYS A 159 -3.81 3.44 -9.31
C CYS A 159 -5.20 3.43 -9.92
N HIS A 160 -6.14 4.13 -9.28
CA HIS A 160 -7.52 4.10 -9.75
C HIS A 160 -7.63 4.68 -11.16
N ASN A 161 -6.88 5.74 -11.45
CA ASN A 161 -6.87 6.32 -12.80
C ASN A 161 -6.36 5.34 -13.82
N CYS A 162 -5.48 4.42 -13.42
CA CYS A 162 -4.95 3.38 -14.28
C CYS A 162 -5.80 2.12 -14.28
N GLY A 163 -6.96 2.12 -13.63
CA GLY A 163 -7.84 0.96 -13.63
C GLY A 163 -7.49 -0.11 -12.61
N VAL A 164 -6.80 0.25 -11.53
CA VAL A 164 -6.23 -0.72 -10.59
C VAL A 164 -6.71 -0.39 -9.18
N LEU A 165 -7.23 -1.39 -8.48
CA LEU A 165 -7.61 -1.30 -7.07
C LEU A 165 -6.61 -2.11 -6.26
N HIS A 166 -5.91 -1.45 -5.34
CA HIS A 166 -4.82 -2.11 -4.62
C HIS A 166 -5.34 -3.14 -3.61
N ARG A 167 -6.37 -2.78 -2.86
CA ARG A 167 -7.04 -3.64 -1.88
C ARG A 167 -6.19 -4.07 -0.70
N ASP A 168 -4.98 -3.53 -0.51
CA ASP A 168 -4.21 -3.86 0.69
C ASP A 168 -3.38 -2.68 1.16
N ILE A 169 -4.00 -1.50 1.19
CA ILE A 169 -3.31 -0.31 1.69
C ILE A 169 -3.11 -0.47 3.20
N LYS A 170 -1.85 -0.44 3.63
CA LYS A 170 -1.49 -0.51 5.05
C LYS A 170 -0.04 -0.05 5.17
N ASP A 171 0.39 0.25 6.40
CA ASP A 171 1.75 0.77 6.55
C ASP A 171 2.81 -0.24 6.10
N GLU A 172 2.54 -1.54 6.24
CA GLU A 172 3.51 -2.55 5.80
C GLU A 172 3.76 -2.50 4.29
N ASN A 173 2.79 -2.00 3.53
CA ASN A 173 2.87 -1.98 2.07
C ASN A 173 3.23 -0.61 1.53
N ILE A 174 3.91 0.21 2.34
CA ILE A 174 4.32 1.55 1.98
C ILE A 174 5.80 1.70 2.33
N LEU A 175 6.62 2.05 1.33
CA LEU A 175 8.05 2.29 1.53
C LEU A 175 8.30 3.79 1.60
N ILE A 176 9.21 4.19 2.48
CA ILE A 176 9.65 5.58 2.59
C ILE A 176 11.05 5.68 2.02
N ASP A 177 11.22 6.50 0.99
CA ASP A 177 12.55 6.89 0.52
C ASP A 177 13.07 7.96 1.48
N LEU A 178 14.02 7.58 2.34
CA LEU A 178 14.47 8.47 3.40
C LEU A 178 15.29 9.65 2.89
N ASN A 179 15.89 9.53 1.70
CA ASN A 179 16.64 10.66 1.16
C ASN A 179 15.73 11.64 0.43
N ARG A 180 14.78 11.12 -0.34
CA ARG A 180 13.91 11.97 -1.15
C ARG A 180 12.61 12.35 -0.44
N GLY A 181 12.27 11.70 0.66
CA GLY A 181 11.00 11.96 1.32
C GLY A 181 9.80 11.54 0.50
N GLU A 182 9.95 10.53 -0.36
CA GLU A 182 8.89 10.06 -1.24
C GLU A 182 8.43 8.68 -0.79
N LEU A 183 7.12 8.48 -0.77
CA LEU A 183 6.50 7.22 -0.41
C LEU A 183 6.16 6.41 -1.65
N LYS A 184 6.28 5.09 -1.54
CA LYS A 184 5.96 4.17 -2.63
C LYS A 184 5.03 3.08 -2.12
N LEU A 185 3.90 2.92 -2.81
CA LEU A 185 2.97 1.84 -2.55
C LEU A 185 3.48 0.56 -3.20
N ILE A 186 3.54 -0.54 -2.44
CA ILE A 186 4.06 -1.79 -2.94
C ILE A 186 3.04 -2.90 -2.75
N ASP A 187 3.38 -4.08 -3.27
CA ASP A 187 2.63 -5.32 -3.09
C ASP A 187 1.21 -5.23 -3.62
N PHE A 188 1.07 -5.41 -4.93
CA PHE A 188 -0.23 -5.47 -5.59
C PHE A 188 -0.79 -6.88 -5.66
N GLY A 189 -0.30 -7.79 -4.82
CA GLY A 189 -0.68 -9.19 -4.88
C GLY A 189 -2.08 -9.50 -4.41
N SER A 190 -2.74 -8.54 -3.77
CA SER A 190 -4.14 -8.70 -3.37
C SER A 190 -5.07 -7.85 -4.21
N GLY A 191 -4.56 -7.18 -5.23
CA GLY A 191 -5.32 -6.17 -5.94
C GLY A 191 -6.26 -6.77 -6.98
N ALA A 192 -6.99 -5.87 -7.64
CA ALA A 192 -7.91 -6.27 -8.68
C ALA A 192 -8.02 -5.14 -9.69
N LEU A 193 -8.51 -5.47 -10.88
CA LEU A 193 -8.95 -4.43 -11.79
C LEU A 193 -10.04 -3.62 -11.11
N LEU A 194 -9.98 -2.31 -11.24
CA LEU A 194 -11.00 -1.46 -10.66
C LEU A 194 -12.30 -1.61 -11.45
N LYS A 195 -13.41 -1.84 -10.75
CA LYS A 195 -14.73 -1.88 -11.38
C LYS A 195 -15.67 -1.10 -10.48
N ASP A 196 -16.82 -0.71 -11.04
CA ASP A 196 -17.83 0.02 -10.29
C ASP A 196 -18.87 -0.89 -9.66
N THR A 197 -18.88 -2.16 -10.01
CA THR A 197 -19.84 -3.10 -9.44
C THR A 197 -19.26 -3.71 -8.16
N VAL A 198 -20.06 -4.53 -7.49
CA VAL A 198 -19.73 -4.95 -6.13
C VAL A 198 -18.65 -6.02 -6.17
N TYR A 199 -17.74 -5.98 -5.19
CA TYR A 199 -16.77 -7.04 -4.96
C TYR A 199 -17.32 -8.01 -3.92
N THR A 200 -17.14 -9.31 -4.18
CA THR A 200 -17.55 -10.37 -3.26
C THR A 200 -16.38 -11.22 -2.77
N ASP A 201 -15.16 -10.93 -3.20
CA ASP A 201 -13.94 -11.61 -2.76
C ASP A 201 -13.00 -10.58 -2.16
N PHE A 202 -12.14 -11.02 -1.24
CA PHE A 202 -11.16 -10.14 -0.60
C PHE A 202 -10.02 -10.97 -0.04
N ASP A 203 -8.78 -10.53 -0.29
CA ASP A 203 -7.60 -11.22 0.19
C ASP A 203 -6.59 -10.28 0.83
N GLY A 204 -6.97 -9.03 1.14
CA GLY A 204 -6.09 -8.09 1.82
C GLY A 204 -6.09 -8.34 3.32
N THR A 205 -5.80 -7.28 4.09
CA THR A 205 -5.58 -7.39 5.52
C THR A 205 -6.89 -7.10 6.27
N ARG A 206 -7.32 -8.05 7.10
CA ARG A 206 -8.67 -7.96 7.67
C ARG A 206 -8.84 -6.74 8.58
N VAL A 207 -7.81 -6.40 9.38
CA VAL A 207 -7.93 -5.27 10.30
C VAL A 207 -7.93 -3.93 9.57
N TYR A 208 -7.66 -3.91 8.27
CA TYR A 208 -7.87 -2.71 7.46
C TYR A 208 -9.12 -2.81 6.59
N SER A 209 -9.93 -3.88 6.73
CA SER A 209 -11.06 -4.06 5.84
C SER A 209 -12.31 -3.42 6.42
N PRO A 210 -13.28 -3.05 5.57
CA PRO A 210 -14.39 -2.24 6.04
C PRO A 210 -15.47 -3.08 6.68
N PRO A 211 -16.37 -2.46 7.45
CA PRO A 211 -17.40 -3.25 8.14
C PRO A 211 -18.40 -3.91 7.19
N GLU A 212 -18.62 -3.38 5.99
CA GLU A 212 -19.50 -4.07 5.06
C GLU A 212 -18.90 -5.38 4.56
N TRP A 213 -17.56 -5.48 4.56
CA TRP A 213 -16.93 -6.76 4.26
C TRP A 213 -17.09 -7.74 5.42
N ILE A 214 -16.81 -7.28 6.66
CA ILE A 214 -16.98 -8.14 7.83
C ILE A 214 -18.41 -8.69 7.89
N ARG A 215 -19.40 -7.82 7.69
CA ARG A 215 -20.79 -8.20 7.93
C ARG A 215 -21.40 -8.94 6.74
N TYR A 216 -21.16 -8.47 5.52
CA TYR A 216 -21.88 -8.96 4.35
C TYR A 216 -20.99 -9.61 3.29
N HIS A 217 -19.68 -9.59 3.46
CA HIS A 217 -18.75 -10.11 2.44
C HIS A 217 -19.00 -9.43 1.09
N ARG A 218 -19.33 -8.15 1.13
CA ARG A 218 -19.53 -7.33 -0.07
C ARG A 218 -18.97 -5.94 0.20
N TYR A 219 -18.42 -5.32 -0.85
CA TYR A 219 -17.95 -3.94 -0.75
C TYR A 219 -17.78 -3.38 -2.16
N HIS A 220 -17.79 -2.05 -2.23
CA HIS A 220 -17.40 -1.36 -3.44
C HIS A 220 -15.99 -0.81 -3.27
N GLY A 221 -15.27 -0.72 -4.39
CA GLY A 221 -13.82 -0.57 -4.31
C GLY A 221 -13.38 0.74 -3.68
N ARG A 222 -13.96 1.85 -4.13
CA ARG A 222 -13.44 3.15 -3.68
C ARG A 222 -13.77 3.40 -2.22
N SER A 223 -15.00 3.11 -1.79
CA SER A 223 -15.33 3.36 -0.39
C SER A 223 -14.60 2.41 0.54
N ALA A 224 -14.31 1.18 0.08
CA ALA A 224 -13.46 0.30 0.90
C ALA A 224 -12.05 0.84 1.01
N ALA A 225 -11.53 1.41 -0.08
CA ALA A 225 -10.19 2.01 -0.04
C ALA A 225 -10.14 3.16 0.95
N VAL A 226 -11.17 3.99 0.95
CA VAL A 226 -11.23 5.12 1.87
C VAL A 226 -11.24 4.64 3.31
N TRP A 227 -11.98 3.56 3.59
CA TRP A 227 -11.93 3.00 4.94
C TRP A 227 -10.51 2.63 5.34
N SER A 228 -9.79 1.91 4.46
CA SER A 228 -8.43 1.49 4.81
C SER A 228 -7.52 2.71 5.01
N LEU A 229 -7.80 3.80 4.30
CA LEU A 229 -7.02 5.01 4.47
C LEU A 229 -7.30 5.68 5.81
N GLY A 230 -8.55 5.61 6.29
CA GLY A 230 -8.83 6.07 7.64
C GLY A 230 -8.07 5.26 8.69
N ILE A 231 -7.99 3.94 8.51
CA ILE A 231 -7.21 3.11 9.42
C ILE A 231 -5.75 3.52 9.37
N LEU A 232 -5.23 3.74 8.17
CA LEU A 232 -3.84 4.12 7.99
C LEU A 232 -3.55 5.47 8.65
N LEU A 233 -4.49 6.42 8.52
CA LEU A 233 -4.23 7.75 9.08
C LEU A 233 -4.26 7.71 10.60
N TYR A 234 -5.22 7.01 11.18
CA TYR A 234 -5.19 6.78 12.62
C TYR A 234 -3.87 6.13 13.04
N ASP A 235 -3.46 5.09 12.34
CA ASP A 235 -2.17 4.43 12.57
C ASP A 235 -1.02 5.44 12.64
N MET A 236 -0.96 6.36 11.68
CA MET A 236 0.14 7.32 11.67
C MET A 236 0.11 8.28 12.86
N VAL A 237 -1.06 8.82 13.20
CA VAL A 237 -1.09 9.87 14.25
C VAL A 237 -1.26 9.29 15.65
N CYS A 238 -1.59 8.01 15.77
CA CYS A 238 -1.71 7.39 17.10
C CYS A 238 -0.64 6.35 17.38
N GLY A 239 0.10 5.90 16.36
CA GLY A 239 1.18 4.95 16.55
C GLY A 239 0.77 3.49 16.42
N ASP A 240 -0.52 3.19 16.29
CA ASP A 240 -0.97 1.85 15.95
C ASP A 240 -2.40 1.98 15.42
N ILE A 241 -2.87 0.92 14.76
CA ILE A 241 -4.19 0.92 14.14
C ILE A 241 -5.26 0.92 15.22
N PRO A 242 -6.50 1.39 14.94
CA PRO A 242 -7.50 1.49 16.01
C PRO A 242 -8.15 0.17 16.38
N PHE A 243 -8.33 -0.74 15.43
CA PHE A 243 -9.15 -1.93 15.64
C PHE A 243 -8.32 -3.19 15.47
N GLU A 244 -8.49 -4.15 16.38
CA GLU A 244 -7.91 -5.48 16.23
C GLU A 244 -8.93 -6.58 16.02
N HIS A 245 -10.20 -6.37 16.40
CA HIS A 245 -11.21 -7.41 16.36
C HIS A 245 -12.41 -6.97 15.50
N ASP A 246 -13.13 -7.95 14.95
CA ASP A 246 -14.29 -7.66 14.11
C ASP A 246 -15.29 -6.77 14.83
N GLU A 247 -15.50 -7.00 16.13
CA GLU A 247 -16.48 -6.23 16.89
C GLU A 247 -16.11 -4.75 16.94
N GLU A 248 -14.81 -4.44 16.99
CA GLU A 248 -14.37 -3.04 16.95
C GLU A 248 -14.56 -2.46 15.55
N ILE A 249 -14.29 -3.25 14.51
CA ILE A 249 -14.46 -2.76 13.15
C ILE A 249 -15.89 -2.34 12.90
N ILE A 250 -16.85 -3.16 13.32
CA ILE A 250 -18.25 -2.86 13.02
C ILE A 250 -18.91 -1.98 14.07
N GLY A 251 -18.26 -1.72 15.22
CA GLY A 251 -18.92 -1.03 16.32
C GLY A 251 -19.10 0.46 16.12
N GLY A 252 -18.31 1.08 15.25
CA GLY A 252 -18.52 2.50 14.96
C GLY A 252 -18.05 3.49 16.01
N GLN A 253 -17.14 3.10 16.90
CA GLN A 253 -16.55 4.01 17.89
C GLN A 253 -15.04 4.06 17.67
N VAL A 254 -14.49 5.26 17.60
CA VAL A 254 -13.06 5.48 17.42
C VAL A 254 -12.55 6.21 18.64
N PHE A 255 -11.74 5.53 19.44
CA PHE A 255 -11.14 6.13 20.63
C PHE A 255 -9.72 6.57 20.28
N PHE A 256 -9.38 7.81 20.64
CA PHE A 256 -8.05 8.37 20.35
C PHE A 256 -7.15 8.23 21.55
N ARG A 257 -6.08 7.46 21.38
CA ARG A 257 -5.13 7.12 22.43
C ARG A 257 -4.00 8.14 22.54
N GLN A 258 -3.89 9.03 21.57
CA GLN A 258 -2.89 10.07 21.51
C GLN A 258 -3.58 11.40 21.31
N ARG A 259 -2.88 12.47 21.68
CA ARG A 259 -3.35 13.81 21.35
C ARG A 259 -3.38 13.99 19.84
N VAL A 260 -4.57 14.22 19.29
CA VAL A 260 -4.78 14.42 17.86
C VAL A 260 -5.72 15.61 17.68
N SER A 261 -5.38 16.51 16.75
CA SER A 261 -6.16 17.74 16.51
C SER A 261 -7.59 17.38 16.16
N GLU A 263 -9.43 18.63 13.83
CA GLU A 263 -9.54 18.51 12.36
C GLU A 263 -9.08 17.14 11.87
N CYS A 264 -7.98 16.62 12.42
CA CYS A 264 -7.53 15.28 12.04
C CYS A 264 -8.50 14.21 12.54
N GLN A 265 -8.98 14.34 13.79
CA GLN A 265 -9.97 13.40 14.29
C GLN A 265 -11.20 13.36 13.38
N HIS A 266 -11.64 14.52 12.91
CA HIS A 266 -12.84 14.58 12.08
C HIS A 266 -12.62 13.84 10.76
N LEU A 267 -11.48 14.10 10.10
CA LEU A 267 -11.16 13.39 8.87
C LEU A 267 -11.13 11.88 9.09
N ILE A 268 -10.45 11.44 10.14
CA ILE A 268 -10.37 10.00 10.43
C ILE A 268 -11.77 9.43 10.62
N ARG A 269 -12.58 10.06 11.48
CA ARG A 269 -13.91 9.53 11.75
C ARG A 269 -14.77 9.52 10.49
N TRP A 270 -14.55 10.49 9.60
CA TRP A 270 -15.32 10.53 8.34
C TRP A 270 -14.92 9.38 7.42
N CYS A 271 -13.61 9.12 7.28
CA CYS A 271 -13.15 7.96 6.52
C CYS A 271 -13.66 6.65 7.11
N LEU A 272 -13.84 6.61 8.43
CA LEU A 272 -14.29 5.40 9.12
C LEU A 272 -15.79 5.41 9.38
N ALA A 273 -16.56 6.13 8.57
CA ALA A 273 -18.01 6.04 8.63
C ALA A 273 -18.44 4.59 8.40
N LEU A 274 -19.39 4.12 9.21
CA LEU A 274 -19.85 2.73 9.09
C LEU A 274 -20.51 2.49 7.73
N ARG A 275 -21.36 3.42 7.27
CA ARG A 275 -22.01 3.24 5.98
C ARG A 275 -21.11 3.75 4.87
N PRO A 276 -20.83 2.94 3.85
CA PRO A 276 -19.90 3.36 2.78
C PRO A 276 -20.26 4.68 2.13
N SER A 277 -21.56 4.95 1.91
CA SER A 277 -21.96 6.20 1.28
C SER A 277 -21.74 7.42 2.15
N ASP A 278 -21.51 7.25 3.46
CA ASP A 278 -21.18 8.37 4.33
C ASP A 278 -19.69 8.73 4.32
N ARG A 279 -18.86 7.95 3.65
CA ARG A 279 -17.43 8.23 3.63
C ARG A 279 -17.11 9.29 2.57
N PRO A 280 -16.01 10.02 2.73
CA PRO A 280 -15.66 11.04 1.73
C PRO A 280 -15.12 10.40 0.47
N THR A 281 -15.27 11.12 -0.64
CA THR A 281 -14.51 10.82 -1.85
C THR A 281 -13.05 11.23 -1.66
N PHE A 282 -12.20 10.83 -2.61
CA PHE A 282 -10.80 11.26 -2.53
C PHE A 282 -10.70 12.77 -2.67
N GLU A 283 -11.55 13.37 -3.50
CA GLU A 283 -11.59 14.82 -3.62
C GLU A 283 -11.93 15.48 -2.29
N GLU A 284 -12.96 14.95 -1.60
CA GLU A 284 -13.33 15.51 -0.30
C GLU A 284 -12.23 15.32 0.74
N ILE A 285 -11.53 14.19 0.70
CA ILE A 285 -10.40 14.01 1.63
C ILE A 285 -9.35 15.09 1.38
N GLN A 286 -8.94 15.25 0.13
CA GLN A 286 -7.83 16.17 -0.16
C GLN A 286 -8.23 17.63 -0.04
N ASN A 287 -9.53 17.96 -0.09
CA ASN A 287 -10.01 19.30 0.22
C ASN A 287 -10.30 19.52 1.70
N HIS A 288 -10.14 18.50 2.54
CA HIS A 288 -10.43 18.64 3.95
C HIS A 288 -9.48 19.65 4.60
N PRO A 289 -9.97 20.46 5.55
CA PRO A 289 -9.08 21.43 6.23
C PRO A 289 -7.78 20.84 6.76
N TRP A 290 -7.81 19.62 7.29
CA TRP A 290 -6.59 19.05 7.85
C TRP A 290 -5.51 18.82 6.80
N MET A 291 -5.91 18.69 5.54
CA MET A 291 -4.99 18.33 4.47
C MET A 291 -4.32 19.53 3.81
N GLN A 292 -4.62 20.75 4.22
CA GLN A 292 -4.09 21.87 3.46
C GLN A 292 -2.64 22.16 3.83
N ASP A 293 -1.93 22.84 2.92
CA ASP A 293 -0.56 23.30 3.18
C ASP A 293 0.40 22.14 3.41
N VAL A 294 0.26 21.10 2.60
CA VAL A 294 1.13 19.94 2.72
C VAL A 294 2.57 20.33 2.38
N LEU A 295 3.53 19.68 3.04
CA LEU A 295 4.93 19.82 2.67
C LEU A 295 5.23 19.10 1.36
N LEU A 296 6.20 19.64 0.61
CA LEU A 296 6.75 18.93 -0.52
C LEU A 296 7.55 17.73 -0.05
N PRO A 297 7.76 16.72 -0.92
CA PRO A 297 8.57 15.57 -0.51
C PRO A 297 9.95 15.94 -0.01
N GLN A 298 10.65 16.84 -0.71
CA GLN A 298 12.00 17.21 -0.28
C GLN A 298 11.98 17.95 1.07
N GLU A 299 11.00 18.84 1.28
CA GLU A 299 10.85 19.48 2.58
C GLU A 299 10.61 18.44 3.67
N THR A 300 9.81 17.42 3.36
CA THR A 300 9.53 16.37 4.35
C THR A 300 10.81 15.67 4.76
N ALA A 301 11.67 15.33 3.78
CA ALA A 301 12.92 14.65 4.08
C ALA A 301 13.83 15.54 4.91
N GLU A 302 13.89 16.83 4.56
CA GLU A 302 14.83 17.72 5.24
C GLU A 302 14.39 18.00 6.67
N ILE A 303 13.09 18.15 6.89
CA ILE A 303 12.60 18.48 8.23
C ILE A 303 12.53 17.23 9.12
N HIS A 304 12.06 16.11 8.57
CA HIS A 304 11.66 14.98 9.40
C HIS A 304 12.50 13.73 9.24
N LEU A 305 13.23 13.57 8.15
CA LEU A 305 13.91 12.30 7.88
C LEU A 305 15.43 12.39 7.87
N HIS A 306 16.01 13.55 7.58
CA HIS A 306 17.47 13.65 7.53
C HIS A 306 18.04 13.83 8.93
N ALA B 1 3.99 0.45 25.78
CA ALA B 1 3.65 -0.74 26.55
C ALA B 1 2.74 -1.68 25.76
N ARG B 2 1.87 -1.12 24.93
CA ARG B 2 0.89 -1.91 24.19
C ARG B 2 1.53 -2.58 22.98
N LYS B 3 1.10 -3.81 22.69
CA LYS B 3 1.75 -4.61 21.66
C LYS B 3 1.23 -4.23 20.26
N ARG B 4 2.16 -3.83 19.41
CA ARG B 4 1.87 -3.50 18.01
C ARG B 4 2.41 -4.63 17.15
N ARG B 5 1.61 -5.10 16.21
CA ARG B 5 2.05 -6.24 15.42
C ARG B 5 1.68 -6.03 13.97
N ARG B 6 2.39 -6.75 13.10
CA ARG B 6 2.01 -6.87 11.70
C ARG B 6 0.83 -7.84 11.57
N HIS B 7 0.13 -7.76 10.45
CA HIS B 7 -1.03 -8.60 10.18
C HIS B 7 -0.89 -9.15 8.77
N PRO B 8 -0.75 -10.47 8.60
CA PRO B 8 -0.61 -11.02 7.25
C PRO B 8 -1.88 -10.85 6.42
N SER B 9 -1.69 -10.86 5.11
CA SER B 9 -2.79 -10.78 4.17
C SER B 9 -3.34 -12.17 3.87
#